data_4O7N
#
_entry.id   4O7N
#
_cell.length_a   44.100
_cell.length_b   154.500
_cell.length_c   78.410
_cell.angle_alpha   90.00
_cell.angle_beta   90.00
_cell.angle_gamma   90.00
#
_symmetry.space_group_name_H-M   'C 2 2 21'
#
loop_
_entity.id
_entity.type
_entity.pdbx_description
1 polymer 'Phosphoribosylaminoimidazole-succinocarboxamide synthase'
2 non-polymer 'PHOSPHATE ION'
3 non-polymer 'ACETATE ION'
4 non-polymer "ADENOSINE-5'-DIPHOSPHATE"
5 non-polymer 'MAGNESIUM ION'
6 water water
#
_entity_poly.entity_id   1
_entity_poly.type   'polypeptide(L)'
_entity_poly.pdbx_seq_one_letter_code
;MVKLMEVYEGKAKKMIPIDDDKLIMEFKDDATAFDGTKKARFKGKGWLNAQLSVIFFKLLEEHGIKTHFIGVAGGNRLIV
EKLDMYPLEVVVRNVVAGSLKKRLPLPEGYELPEPIVELYYKNDELHDPMINYYHAKVLGISLDEIKKIEEIALKVNEIL
KDYLAKKGIILVDFKLEFGKDKNGDIVLADEISPDTCRFWDAKTKRSLDKDVFRFDKGDLIEAYKEIYERITGEKPEF
;
_entity_poly.pdbx_strand_id   A
#
loop_
_chem_comp.id
_chem_comp.type
_chem_comp.name
_chem_comp.formula
ACT non-polymer 'ACETATE ION' 'C2 H3 O2 -1'
ADP non-polymer ADENOSINE-5'-DIPHOSPHATE 'C10 H15 N5 O10 P2'
MG non-polymer 'MAGNESIUM ION' 'Mg 2'
PO4 non-polymer 'PHOSPHATE ION' 'O4 P -3'
#
# COMPACT_ATOMS: atom_id res chain seq x y z
N GLU A 6 0.23 12.85 22.18
CA GLU A 6 -0.55 11.58 22.07
C GLU A 6 -0.17 10.80 20.81
N VAL A 7 -0.18 9.48 20.92
CA VAL A 7 0.12 8.60 19.79
C VAL A 7 -1.19 8.19 19.10
N TYR A 8 -1.22 8.23 17.78
CA TYR A 8 -2.36 7.70 17.04
C TYR A 8 -2.16 6.19 16.86
N GLU A 9 -3.13 5.40 17.28
CA GLU A 9 -3.10 3.95 17.10
C GLU A 9 -4.14 3.50 16.05
N GLY A 10 -3.67 3.19 14.85
CA GLY A 10 -4.55 2.67 13.78
C GLY A 10 -4.63 1.15 13.83
N LYS A 11 -5.43 0.57 12.92
CA LYS A 11 -5.62 -0.88 12.83
C LYS A 11 -4.32 -1.69 12.68
N ALA A 12 -3.32 -1.11 12.01
CA ALA A 12 -2.09 -1.83 11.69
C ALA A 12 -0.79 -1.16 12.17
N LYS A 13 -0.84 0.15 12.41
CA LYS A 13 0.36 0.92 12.78
C LYS A 13 0.04 1.95 13.87
N LYS A 14 1.06 2.35 14.62
CA LYS A 14 0.96 3.53 15.49
C LYS A 14 1.85 4.68 14.98
N MET A 15 1.32 5.90 15.04
CA MET A 15 2.04 7.08 14.58
C MET A 15 2.43 7.93 15.78
N ILE A 16 3.73 7.99 16.06
CA ILE A 16 4.24 8.75 17.20
C ILE A 16 4.83 10.08 16.71
N PRO A 17 4.30 11.23 17.19
CA PRO A 17 4.89 12.53 16.86
C PRO A 17 6.32 12.64 17.39
N ILE A 18 7.19 13.25 16.61
CA ILE A 18 8.55 13.54 17.05
C ILE A 18 8.63 15.04 17.34
N ASP A 19 8.47 15.85 16.30
CA ASP A 19 8.51 17.30 16.46
C ASP A 19 7.34 17.93 15.67
N ASP A 20 7.59 19.04 15.00
CA ASP A 20 6.57 19.69 14.19
C ASP A 20 6.38 18.99 12.85
N ASP A 21 7.43 18.34 12.36
CA ASP A 21 7.48 17.88 10.98
C ASP A 21 7.83 16.40 10.78
N LYS A 22 7.94 15.63 11.86
CA LYS A 22 8.32 14.23 11.75
C LYS A 22 7.42 13.35 12.58
N LEU A 23 7.25 12.11 12.12
CA LEU A 23 6.50 11.10 12.85
C LEU A 23 7.27 9.81 12.88
N ILE A 24 6.97 9.00 13.89
CA ILE A 24 7.42 7.62 13.92
C ILE A 24 6.22 6.79 13.45
N MET A 25 6.45 5.97 12.44
CA MET A 25 5.45 5.02 12.00
C MET A 25 5.87 3.62 12.48
N GLU A 26 5.10 3.10 13.42
CA GLU A 26 5.41 1.81 14.04
C GLU A 26 4.43 0.74 13.58
N PHE A 27 4.96 -0.34 13.00
CA PHE A 27 4.12 -1.39 12.43
C PHE A 27 3.77 -2.44 13.48
N LYS A 28 2.49 -2.75 13.63
CA LYS A 28 2.05 -3.72 14.63
C LYS A 28 1.92 -5.12 14.03
N ASP A 29 1.79 -6.12 14.88
CA ASP A 29 1.61 -7.48 14.42
C ASP A 29 0.16 -7.82 14.12
N ASP A 30 -0.74 -6.89 14.45
CA ASP A 30 -2.18 -7.05 14.22
C ASP A 30 -2.55 -7.07 12.74
N ALA A 31 -3.49 -7.93 12.38
CA ALA A 31 -4.07 -7.96 11.05
C ALA A 31 -5.58 -7.91 11.13
N THR A 32 -6.19 -7.12 10.26
CA THR A 32 -7.65 -6.99 10.22
C THR A 32 -8.10 -7.19 8.77
N ALA A 33 -9.34 -7.64 8.59
CA ALA A 33 -9.88 -7.84 7.25
C ALA A 33 -11.39 -7.70 7.27
N PHE A 34 -11.94 -7.52 6.08
CA PHE A 34 -13.38 -7.36 5.90
C PHE A 34 -13.87 -6.21 6.78
N ASP A 35 -13.33 -5.02 6.52
CA ASP A 35 -13.58 -3.83 7.34
C ASP A 35 -13.69 -4.21 8.84
N GLY A 36 -12.61 -4.80 9.38
CA GLY A 36 -12.48 -5.08 10.80
C GLY A 36 -13.26 -6.22 11.43
N THR A 37 -14.07 -6.95 10.66
CA THR A 37 -14.78 -8.12 11.22
C THR A 37 -13.88 -9.33 11.53
N LYS A 38 -12.84 -9.53 10.71
CA LYS A 38 -11.88 -10.63 10.92
C LYS A 38 -10.59 -10.08 11.53
N LYS A 39 -10.11 -10.71 12.59
CA LYS A 39 -8.93 -10.23 13.31
C LYS A 39 -8.02 -11.38 13.74
N ALA A 40 -6.71 -11.11 13.74
CA ALA A 40 -5.71 -12.02 14.30
C ALA A 40 -4.41 -11.25 14.48
N ARG A 41 -3.45 -11.88 15.13
CA ARG A 41 -2.11 -11.31 15.30
C ARG A 41 -1.10 -12.31 14.78
N PHE A 42 -0.08 -11.82 14.06
CA PHE A 42 0.94 -12.69 13.47
C PHE A 42 2.32 -12.17 13.87
N LYS A 43 3.05 -12.97 14.64
CA LYS A 43 4.32 -12.52 15.22
C LYS A 43 5.29 -12.27 14.08
N GLY A 44 5.86 -11.08 14.06
CA GLY A 44 6.82 -10.72 13.02
C GLY A 44 6.21 -10.02 11.82
N LYS A 45 4.89 -10.01 11.72
CA LYS A 45 4.20 -9.31 10.60
C LYS A 45 4.60 -7.83 10.51
N GLY A 46 4.67 -7.17 11.66
CA GLY A 46 5.05 -5.77 11.75
C GLY A 46 6.43 -5.54 11.19
N TRP A 47 7.38 -6.38 11.60
CA TRP A 47 8.76 -6.31 11.14
C TRP A 47 8.87 -6.44 9.65
N LEU A 48 8.20 -7.44 9.10
CA LEU A 48 8.21 -7.68 7.66
C LEU A 48 7.65 -6.48 6.89
N ASN A 49 6.48 -6.01 7.30
CA ASN A 49 5.82 -4.90 6.64
C ASN A 49 6.61 -3.59 6.73
N ALA A 50 7.30 -3.39 7.86
CA ALA A 50 8.22 -2.27 8.04
C ALA A 50 9.38 -2.36 7.06
N GLN A 51 10.04 -3.52 7.03
CA GLN A 51 11.24 -3.67 6.22
C GLN A 51 10.90 -3.52 4.75
N LEU A 52 9.79 -4.12 4.36
CA LEU A 52 9.36 -4.10 2.97
C LEU A 52 8.95 -2.69 2.49
N SER A 53 8.27 -1.95 3.36
CA SER A 53 7.93 -0.56 3.09
C SER A 53 9.20 0.24 2.82
N VAL A 54 10.20 0.06 3.68
CA VAL A 54 11.51 0.75 3.51
C VAL A 54 12.13 0.45 2.17
N ILE A 55 12.19 -0.83 1.81
CA ILE A 55 12.74 -1.21 0.52
C ILE A 55 11.96 -0.52 -0.63
N PHE A 56 10.63 -0.59 -0.58
CA PHE A 56 9.84 0.03 -1.63
C PHE A 56 10.00 1.55 -1.65
N PHE A 57 9.94 2.20 -0.50
CA PHE A 57 10.10 3.66 -0.47
C PHE A 57 11.46 4.10 -1.02
N LYS A 58 12.51 3.34 -0.68
CA LYS A 58 13.85 3.66 -1.16
C LYS A 58 13.93 3.45 -2.67
N LEU A 59 13.36 2.35 -3.14
CA LEU A 59 13.31 2.12 -4.58
C LEU A 59 12.61 3.29 -5.29
N LEU A 60 11.47 3.71 -4.76
CA LEU A 60 10.69 4.79 -5.37
C LEU A 60 11.40 6.14 -5.32
N GLU A 61 12.10 6.41 -4.22
CA GLU A 61 12.85 7.67 -4.07
C GLU A 61 13.95 7.76 -5.14
N GLU A 62 14.66 6.66 -5.39
CA GLU A 62 15.67 6.57 -6.44
C GLU A 62 15.11 6.95 -7.80
N HIS A 63 13.84 6.60 -8.04
CA HIS A 63 13.19 6.93 -9.31
C HIS A 63 12.54 8.30 -9.30
N GLY A 64 12.84 9.10 -8.27
CA GLY A 64 12.29 10.46 -8.20
C GLY A 64 10.84 10.58 -7.75
N ILE A 65 10.32 9.53 -7.09
CA ILE A 65 9.03 9.62 -6.41
C ILE A 65 9.24 10.25 -5.03
N LYS A 66 8.52 11.34 -4.75
CA LYS A 66 8.60 11.95 -3.41
C LYS A 66 7.73 11.15 -2.42
N THR A 67 8.37 10.58 -1.41
CA THR A 67 7.66 9.84 -0.37
C THR A 67 7.92 10.45 1.01
N HIS A 68 7.16 10.00 2.00
CA HIS A 68 7.35 10.50 3.35
C HIS A 68 8.53 9.85 4.08
N PHE A 69 9.18 8.88 3.45
CA PHE A 69 10.25 8.13 4.13
C PHE A 69 11.49 8.97 4.47
N ILE A 70 11.79 9.12 5.75
CA ILE A 70 13.02 9.81 6.23
C ILE A 70 14.10 8.81 6.68
N GLY A 71 13.79 7.95 7.63
CA GLY A 71 14.73 6.90 8.03
C GLY A 71 14.12 5.83 8.91
N VAL A 72 14.97 4.97 9.47
CA VAL A 72 14.48 3.94 10.39
C VAL A 72 14.78 4.29 11.83
N ALA A 73 13.91 3.86 12.74
CA ALA A 73 14.11 4.06 14.17
C ALA A 73 14.23 2.70 14.87
N GLY A 74 14.81 1.74 14.15
CA GLY A 74 14.99 0.38 14.64
C GLY A 74 13.69 -0.40 14.77
N GLY A 75 13.76 -1.69 14.43
CA GLY A 75 12.65 -2.62 14.64
C GLY A 75 11.48 -2.50 13.69
N ASN A 76 10.34 -2.10 14.23
CA ASN A 76 9.12 -1.91 13.47
C ASN A 76 8.79 -0.44 13.27
N ARG A 77 9.79 0.43 13.39
CA ARG A 77 9.55 1.87 13.39
C ARG A 77 10.29 2.56 12.23
N LEU A 78 9.54 3.35 11.48
CA LEU A 78 10.14 4.20 10.46
C LEU A 78 10.00 5.65 10.91
N ILE A 79 10.95 6.50 10.53
CA ILE A 79 10.79 7.94 10.68
C ILE A 79 10.25 8.46 9.35
N VAL A 80 9.18 9.23 9.42
CA VAL A 80 8.48 9.70 8.22
C VAL A 80 8.09 11.17 8.36
N GLU A 81 8.04 11.88 7.23
CA GLU A 81 7.60 13.27 7.21
C GLU A 81 6.14 13.35 7.59
N LYS A 82 5.80 14.32 8.43
CA LYS A 82 4.40 14.57 8.78
C LYS A 82 3.76 15.35 7.64
N LEU A 83 2.58 14.90 7.22
CA LEU A 83 1.93 15.50 6.08
C LEU A 83 0.50 15.82 6.41
N ASP A 84 -0.03 16.74 5.64
CA ASP A 84 -1.44 17.02 5.67
C ASP A 84 -2.11 16.05 4.65
N MET A 85 -2.74 15.01 5.19
CA MET A 85 -3.20 13.86 4.39
C MET A 85 -4.45 14.15 3.59
N TYR A 86 -4.49 13.67 2.36
CA TYR A 86 -5.72 13.66 1.59
C TYR A 86 -6.58 12.56 2.14
N PRO A 87 -7.91 12.76 2.21
CA PRO A 87 -8.73 11.67 2.73
C PRO A 87 -9.03 10.62 1.64
N LEU A 88 -7.97 10.06 1.05
CA LEU A 88 -8.12 9.12 -0.08
C LEU A 88 -7.35 7.83 0.10
N GLU A 89 -7.91 6.75 -0.44
CA GLU A 89 -7.15 5.54 -0.76
C GLU A 89 -7.13 5.43 -2.28
N VAL A 90 -5.93 5.38 -2.85
CA VAL A 90 -5.73 5.33 -4.30
C VAL A 90 -5.29 3.92 -4.68
N VAL A 91 -6.15 3.22 -5.42
CA VAL A 91 -5.93 1.82 -5.78
C VAL A 91 -5.58 1.72 -7.26
N VAL A 92 -4.44 1.10 -7.54
CA VAL A 92 -3.99 0.84 -8.91
C VAL A 92 -4.13 -0.67 -9.15
N ARG A 93 -4.73 -1.06 -10.28
CA ARG A 93 -5.02 -2.47 -10.55
CA ARG A 93 -5.01 -2.47 -10.55
C ARG A 93 -4.48 -2.90 -11.94
N ASN A 94 -3.66 -3.95 -11.95
CA ASN A 94 -3.09 -4.52 -13.19
C ASN A 94 -3.77 -5.81 -13.60
N VAL A 95 -4.25 -6.55 -12.60
CA VAL A 95 -4.88 -7.83 -12.81
C VAL A 95 -6.17 -7.83 -11.97
N VAL A 96 -7.25 -8.35 -12.54
CA VAL A 96 -8.55 -8.39 -11.85
C VAL A 96 -8.52 -9.31 -10.60
N ALA A 97 -8.95 -8.73 -9.47
CA ALA A 97 -9.01 -9.44 -8.18
C ALA A 97 -9.78 -8.55 -7.19
N GLY A 98 -10.10 -9.12 -6.03
CA GLY A 98 -10.80 -8.37 -4.99
C GLY A 98 -12.12 -7.77 -5.46
N SER A 99 -12.35 -6.52 -5.08
CA SER A 99 -13.62 -5.83 -5.33
C SER A 99 -13.91 -5.53 -6.80
N LEU A 100 -12.87 -5.51 -7.62
CA LEU A 100 -13.06 -5.24 -9.04
C LEU A 100 -13.96 -6.28 -9.74
N LYS A 101 -14.00 -7.49 -9.18
CA LYS A 101 -14.80 -8.58 -9.75
C LYS A 101 -16.28 -8.30 -9.61
N LYS A 102 -16.60 -7.43 -8.65
CA LYS A 102 -17.97 -7.01 -8.38
C LYS A 102 -18.31 -5.72 -9.11
N ARG A 103 -17.37 -5.19 -9.89
CA ARG A 103 -17.61 -3.95 -10.61
C ARG A 103 -17.56 -4.13 -12.13
N LEU A 104 -16.74 -5.07 -12.59
CA LEU A 104 -16.61 -5.44 -14.00
C LEU A 104 -16.80 -6.96 -14.16
N PRO A 105 -17.54 -7.40 -15.20
CA PRO A 105 -17.86 -8.81 -15.27
C PRO A 105 -16.65 -9.56 -15.85
N LEU A 106 -15.60 -9.64 -15.06
CA LEU A 106 -14.33 -10.18 -15.55
C LEU A 106 -13.82 -11.11 -14.49
N PRO A 107 -13.16 -12.22 -14.91
CA PRO A 107 -12.74 -13.20 -13.92
C PRO A 107 -11.44 -12.83 -13.22
N GLU A 108 -11.30 -13.32 -11.99
CA GLU A 108 -10.04 -13.23 -11.26
C GLU A 108 -8.86 -13.69 -12.13
N GLY A 109 -7.82 -12.87 -12.22
CA GLY A 109 -6.67 -13.23 -13.03
C GLY A 109 -6.71 -12.60 -14.41
N TYR A 110 -7.86 -12.06 -14.78
CA TYR A 110 -7.95 -11.35 -16.04
C TYR A 110 -6.90 -10.25 -16.06
N GLU A 111 -6.04 -10.30 -17.07
CA GLU A 111 -4.98 -9.33 -17.22
CA GLU A 111 -4.99 -9.30 -17.21
C GLU A 111 -5.54 -8.08 -17.89
N LEU A 112 -5.39 -6.93 -17.23
CA LEU A 112 -5.93 -5.69 -17.76
C LEU A 112 -5.04 -5.15 -18.88
N PRO A 113 -5.64 -4.68 -19.98
CA PRO A 113 -4.90 -4.07 -21.09
C PRO A 113 -4.14 -2.82 -20.63
N GLU A 114 -4.75 -1.99 -19.79
CA GLU A 114 -4.02 -0.93 -19.09
C GLU A 114 -4.44 -0.78 -17.62
N PRO A 115 -3.56 -0.20 -16.79
CA PRO A 115 -3.89 -0.13 -15.36
C PRO A 115 -5.17 0.66 -15.05
N ILE A 116 -5.95 0.19 -14.07
CA ILE A 116 -7.11 0.93 -13.53
C ILE A 116 -6.71 1.67 -12.24
N VAL A 117 -7.13 2.93 -12.11
CA VAL A 117 -6.92 3.70 -10.86
C VAL A 117 -8.30 3.97 -10.30
N GLU A 118 -8.49 3.59 -9.04
CA GLU A 118 -9.74 3.88 -8.34
C GLU A 118 -9.44 4.76 -7.13
N LEU A 119 -10.33 5.72 -6.90
CA LEU A 119 -10.24 6.62 -5.76
C LEU A 119 -11.30 6.25 -4.76
N TYR A 120 -10.89 6.09 -3.51
CA TYR A 120 -11.80 5.79 -2.42
C TYR A 120 -11.73 6.90 -1.37
N TYR A 121 -12.89 7.36 -0.96
CA TYR A 121 -12.99 8.37 0.07
C TYR A 121 -12.85 7.70 1.45
N LYS A 122 -11.80 8.06 2.19
CA LYS A 122 -11.60 7.50 3.55
C LYS A 122 -12.62 8.05 4.52
N ASN A 123 -13.58 7.22 4.87
CA ASN A 123 -14.68 7.62 5.74
C ASN A 123 -15.34 6.38 6.34
N ASP A 124 -15.07 6.16 7.63
CA ASP A 124 -15.57 4.98 8.34
C ASP A 124 -17.09 4.91 8.33
N GLU A 125 -17.73 6.04 8.63
CA GLU A 125 -19.20 6.13 8.63
C GLU A 125 -19.81 5.64 7.31
N LEU A 126 -19.17 5.97 6.18
CA LEU A 126 -19.71 5.60 4.86
C LEU A 126 -19.04 4.34 4.27
N HIS A 127 -18.11 3.73 5.02
CA HIS A 127 -17.37 2.53 4.61
C HIS A 127 -16.54 2.73 3.38
N ASP A 128 -15.78 3.83 3.35
CA ASP A 128 -14.82 4.10 2.27
C ASP A 128 -15.37 3.92 0.85
N PRO A 129 -16.38 4.73 0.48
CA PRO A 129 -16.98 4.50 -0.83
C PRO A 129 -16.06 4.96 -1.97
N MET A 130 -16.19 4.34 -3.14
CA MET A 130 -15.46 4.81 -4.30
C MET A 130 -16.02 6.17 -4.70
N ILE A 131 -15.14 7.05 -5.17
CA ILE A 131 -15.59 8.34 -5.65
C ILE A 131 -14.96 8.61 -7.01
N ASN A 132 -15.46 9.61 -7.69
CA ASN A 132 -14.80 10.12 -8.89
C ASN A 132 -14.24 11.56 -8.67
N TYR A 133 -13.78 12.20 -9.75
CA TYR A 133 -13.12 13.52 -9.66
C TYR A 133 -14.06 14.64 -9.19
N TYR A 134 -15.35 14.49 -9.49
CA TYR A 134 -16.35 15.49 -9.07
C TYR A 134 -16.58 15.42 -7.57
N HIS A 135 -16.72 14.19 -7.04
CA HIS A 135 -16.83 14.04 -5.59
C HIS A 135 -15.60 14.62 -4.94
N ALA A 136 -14.42 14.33 -5.50
CA ALA A 136 -13.16 14.82 -4.92
C ALA A 136 -13.14 16.35 -4.81
N LYS A 137 -13.64 17.03 -5.84
CA LYS A 137 -13.77 18.48 -5.85
C LYS A 137 -14.62 18.97 -4.69
N VAL A 138 -15.77 18.32 -4.44
CA VAL A 138 -16.63 18.70 -3.33
C VAL A 138 -15.89 18.54 -2.02
N LEU A 139 -14.98 17.56 -1.99
CA LEU A 139 -14.17 17.30 -0.81
C LEU A 139 -12.99 18.27 -0.68
N GLY A 140 -12.85 19.20 -1.62
CA GLY A 140 -11.77 20.20 -1.56
C GLY A 140 -10.51 19.80 -2.30
N ILE A 141 -10.59 18.74 -3.11
CA ILE A 141 -9.43 18.29 -3.89
C ILE A 141 -9.65 18.72 -5.36
N SER A 142 -8.79 19.62 -5.84
CA SER A 142 -8.91 20.18 -7.18
C SER A 142 -8.60 19.11 -8.23
N LEU A 143 -9.03 19.38 -9.46
CA LEU A 143 -8.79 18.43 -10.56
C LEU A 143 -7.29 18.26 -10.83
N ASP A 144 -6.53 19.35 -10.78
CA ASP A 144 -5.06 19.33 -10.93
CA ASP A 144 -5.10 19.24 -10.99
C ASP A 144 -4.42 18.39 -9.90
N GLU A 145 -4.84 18.55 -8.64
CA GLU A 145 -4.35 17.69 -7.56
C GLU A 145 -4.65 16.21 -7.83
N ILE A 146 -5.88 15.91 -8.21
CA ILE A 146 -6.29 14.53 -8.54
C ILE A 146 -5.45 13.98 -9.68
N LYS A 147 -5.28 14.77 -10.73
CA LYS A 147 -4.45 14.42 -11.88
C LYS A 147 -2.99 14.13 -11.50
N LYS A 148 -2.37 15.01 -10.72
CA LYS A 148 -1.03 14.76 -10.19
C LYS A 148 -0.98 13.48 -9.35
N ILE A 149 -1.97 13.28 -8.47
CA ILE A 149 -2.03 12.05 -7.65
C ILE A 149 -2.02 10.77 -8.52
N GLU A 150 -2.91 10.71 -9.51
CA GLU A 150 -3.01 9.55 -10.40
C GLU A 150 -1.75 9.35 -11.24
N GLU A 151 -1.14 10.45 -11.68
CA GLU A 151 0.11 10.39 -12.44
CA GLU A 151 0.12 10.44 -12.42
C GLU A 151 1.22 9.78 -11.59
N ILE A 152 1.30 10.17 -10.32
CA ILE A 152 2.25 9.53 -9.40
C ILE A 152 1.95 8.03 -9.20
N ALA A 153 0.68 7.71 -8.89
CA ALA A 153 0.28 6.32 -8.68
C ALA A 153 0.64 5.44 -9.87
N LEU A 154 0.38 5.95 -11.08
CA LEU A 154 0.68 5.21 -12.31
C LEU A 154 2.20 5.02 -12.52
N LYS A 155 2.99 6.05 -12.17
CA LYS A 155 4.45 5.92 -12.21
C LYS A 155 4.94 4.88 -11.17
N VAL A 156 4.47 5.00 -9.93
CA VAL A 156 4.77 4.03 -8.86
C VAL A 156 4.48 2.60 -9.34
N ASN A 157 3.34 2.43 -10.00
CA ASN A 157 2.95 1.14 -10.55
C ASN A 157 3.98 0.53 -11.49
N GLU A 158 4.43 1.30 -12.50
CA GLU A 158 5.44 0.85 -13.46
C GLU A 158 6.71 0.39 -12.75
N ILE A 159 7.23 1.24 -11.87
CA ILE A 159 8.45 0.93 -11.12
C ILE A 159 8.31 -0.36 -10.29
N LEU A 160 7.24 -0.45 -9.48
CA LEU A 160 7.04 -1.65 -8.64
C LEU A 160 6.77 -2.93 -9.45
N LYS A 161 5.89 -2.86 -10.45
CA LYS A 161 5.59 -4.03 -11.25
C LYS A 161 6.84 -4.54 -12.01
N ASP A 162 7.61 -3.64 -12.61
CA ASP A 162 8.86 -4.01 -13.30
C ASP A 162 9.86 -4.63 -12.34
N TYR A 163 10.07 -3.98 -11.20
CA TYR A 163 10.97 -4.47 -10.16
C TYR A 163 10.55 -5.85 -9.68
N LEU A 164 9.26 -5.99 -9.36
CA LEU A 164 8.76 -7.27 -8.83
C LEU A 164 8.74 -8.40 -9.86
N ALA A 165 8.47 -8.06 -11.13
CA ALA A 165 8.49 -9.05 -12.22
C ALA A 165 9.87 -9.71 -12.39
N LYS A 166 10.93 -8.91 -12.28
CA LYS A 166 12.31 -9.42 -12.30
C LYS A 166 12.59 -10.33 -11.10
N LYS A 167 11.62 -10.47 -10.21
CA LYS A 167 11.77 -11.35 -9.06
C LYS A 167 10.72 -12.44 -9.03
N GLY A 168 10.02 -12.63 -10.15
CA GLY A 168 9.03 -13.69 -10.28
C GLY A 168 7.74 -13.40 -9.54
N ILE A 169 7.41 -12.12 -9.39
CA ILE A 169 6.20 -11.72 -8.67
C ILE A 169 5.36 -10.76 -9.50
N ILE A 170 4.09 -11.10 -9.66
CA ILE A 170 3.11 -10.26 -10.32
C ILE A 170 2.48 -9.30 -9.31
N LEU A 171 2.59 -8.01 -9.60
CA LEU A 171 1.91 -6.99 -8.82
C LEU A 171 0.48 -6.87 -9.34
N VAL A 172 -0.45 -7.45 -8.60
CA VAL A 172 -1.83 -7.55 -9.06
C VAL A 172 -2.58 -6.20 -8.89
N ASP A 173 -2.44 -5.60 -7.71
CA ASP A 173 -3.01 -4.28 -7.40
C ASP A 173 -2.35 -3.81 -6.12
N PHE A 174 -2.59 -2.56 -5.73
CA PHE A 174 -2.05 -2.02 -4.50
C PHE A 174 -2.75 -0.73 -4.13
N LYS A 175 -2.64 -0.35 -2.87
CA LYS A 175 -3.34 0.82 -2.36
C LYS A 175 -2.30 1.81 -1.82
N LEU A 176 -2.44 3.07 -2.25
CA LEU A 176 -1.59 4.17 -1.81
C LEU A 176 -2.39 5.26 -1.07
N GLU A 177 -1.68 6.02 -0.26
CA GLU A 177 -2.21 7.22 0.38
C GLU A 177 -1.22 8.35 0.14
N PHE A 178 -1.72 9.58 0.17
CA PHE A 178 -0.94 10.76 -0.17
C PHE A 178 -1.27 11.88 0.79
N GLY A 179 -0.30 12.77 0.97
CA GLY A 179 -0.55 14.05 1.64
C GLY A 179 0.28 15.18 1.03
N LYS A 180 0.06 16.39 1.53
CA LYS A 180 0.80 17.58 1.13
C LYS A 180 1.88 17.92 2.16
N ASP A 181 3.06 18.29 1.70
CA ASP A 181 4.12 18.78 2.58
C ASP A 181 3.99 20.30 2.72
N LYS A 182 4.90 20.93 3.47
CA LYS A 182 4.81 22.37 3.75
C LYS A 182 4.94 23.24 2.47
N ASN A 183 5.56 22.69 1.43
CA ASN A 183 5.68 23.38 0.12
C ASN A 183 4.49 23.15 -0.79
N GLY A 184 3.50 22.39 -0.30
CA GLY A 184 2.32 22.04 -1.07
C GLY A 184 2.55 21.00 -2.14
N ASP A 185 3.67 20.28 -2.07
CA ASP A 185 3.93 19.14 -2.96
C ASP A 185 3.19 17.90 -2.50
N ILE A 186 2.83 17.06 -3.47
CA ILE A 186 2.08 15.83 -3.20
C ILE A 186 3.05 14.67 -2.95
N VAL A 187 2.97 14.13 -1.74
CA VAL A 187 3.96 13.20 -1.22
C VAL A 187 3.28 11.86 -0.90
N LEU A 188 3.87 10.77 -1.37
CA LEU A 188 3.38 9.43 -1.14
C LEU A 188 3.63 9.04 0.31
N ALA A 189 2.61 8.47 0.96
CA ALA A 189 2.63 8.30 2.40
C ALA A 189 2.28 6.86 2.82
N ASP A 190 1.81 6.69 4.04
CA ASP A 190 1.40 5.38 4.60
C ASP A 190 2.45 4.28 4.39
N GLU A 191 2.05 3.13 3.85
CA GLU A 191 2.95 1.97 3.77
C GLU A 191 2.85 1.33 2.41
N ILE A 192 3.82 0.45 2.09
CA ILE A 192 3.75 -0.39 0.89
C ILE A 192 4.23 -1.78 1.33
N SER A 193 3.31 -2.73 1.44
CA SER A 193 3.62 -4.01 2.05
C SER A 193 2.65 -5.07 1.54
N PRO A 194 2.86 -6.35 1.93
CA PRO A 194 1.90 -7.40 1.57
C PRO A 194 0.51 -7.18 2.19
N ASP A 195 0.40 -6.28 3.18
CA ASP A 195 -0.90 -5.81 3.67
C ASP A 195 -1.66 -4.96 2.64
N THR A 196 -0.96 -4.13 1.89
CA THR A 196 -1.64 -3.13 1.05
C THR A 196 -1.52 -3.39 -0.45
N CYS A 197 -0.89 -4.51 -0.83
CA CYS A 197 -0.69 -4.91 -2.23
C CYS A 197 -1.12 -6.33 -2.41
N ARG A 198 -1.53 -6.69 -3.63
CA ARG A 198 -1.66 -8.10 -3.99
C ARG A 198 -0.43 -8.53 -4.78
N PHE A 199 0.25 -9.55 -4.27
CA PHE A 199 1.43 -10.14 -4.89
C PHE A 199 1.14 -11.62 -5.20
N TRP A 200 1.27 -12.00 -6.47
CA TRP A 200 1.09 -13.39 -6.91
C TRP A 200 2.36 -13.98 -7.42
N ASP A 201 2.65 -15.23 -7.08
CA ASP A 201 3.84 -15.88 -7.65
C ASP A 201 3.67 -15.97 -9.18
N ALA A 202 4.70 -15.59 -9.94
CA ALA A 202 4.59 -15.59 -11.41
C ALA A 202 4.31 -16.99 -11.99
N LYS A 203 5.02 -17.99 -11.49
CA LYS A 203 4.85 -19.38 -11.95
C LYS A 203 3.52 -19.99 -11.52
N THR A 204 3.17 -19.88 -10.24
CA THR A 204 2.01 -20.62 -9.69
C THR A 204 0.72 -19.81 -9.54
N LYS A 205 0.83 -18.49 -9.66
CA LYS A 205 -0.32 -17.56 -9.49
C LYS A 205 -0.86 -17.49 -8.06
N ARG A 206 -0.15 -18.06 -7.09
CA ARG A 206 -0.68 -18.07 -5.72
C ARG A 206 -0.36 -16.79 -4.96
N SER A 207 -1.24 -16.45 -4.02
CA SER A 207 -1.16 -15.20 -3.25
C SER A 207 -0.03 -15.22 -2.27
N LEU A 208 0.79 -14.17 -2.29
CA LEU A 208 1.81 -13.94 -1.27
C LEU A 208 1.58 -12.56 -0.60
N ASP A 209 0.45 -12.45 0.10
CA ASP A 209 -0.09 -11.17 0.57
C ASP A 209 -1.23 -11.41 1.58
N LYS A 210 -1.89 -10.34 2.02
CA LYS A 210 -2.97 -10.42 3.02
C LYS A 210 -4.16 -11.31 2.63
N ASP A 211 -4.29 -11.66 1.34
CA ASP A 211 -5.35 -12.56 0.86
C ASP A 211 -5.24 -13.95 1.49
N VAL A 212 -4.01 -14.35 1.79
CA VAL A 212 -3.75 -15.58 2.57
C VAL A 212 -4.53 -15.55 3.88
N PHE A 213 -4.49 -14.41 4.58
CA PHE A 213 -5.29 -14.22 5.81
C PHE A 213 -6.77 -14.03 5.51
N ARG A 214 -7.09 -13.16 4.54
CA ARG A 214 -8.48 -12.92 4.17
C ARG A 214 -9.26 -14.23 3.93
N PHE A 215 -8.71 -15.12 3.11
CA PHE A 215 -9.42 -16.32 2.69
C PHE A 215 -8.84 -17.65 3.20
N ASP A 216 -8.02 -17.59 4.26
CA ASP A 216 -7.41 -18.77 4.89
C ASP A 216 -6.68 -19.66 3.87
N LYS A 217 -5.90 -19.03 3.01
CA LYS A 217 -5.21 -19.73 1.94
C LYS A 217 -3.91 -20.37 2.40
N GLY A 218 -3.63 -20.30 3.70
CA GLY A 218 -2.39 -20.84 4.26
C GLY A 218 -1.81 -20.03 5.41
N ASP A 219 -0.49 -20.04 5.51
CA ASP A 219 0.23 -19.42 6.61
C ASP A 219 0.70 -18.02 6.19
N LEU A 220 0.16 -17.00 6.86
CA LEU A 220 0.44 -15.62 6.49
C LEU A 220 1.93 -15.25 6.63
N ILE A 221 2.51 -15.56 7.79
CA ILE A 221 3.91 -15.27 8.06
C ILE A 221 4.81 -15.95 7.02
N GLU A 222 4.54 -17.23 6.74
CA GLU A 222 5.26 -17.95 5.70
C GLU A 222 5.18 -17.21 4.34
N ALA A 223 3.99 -16.75 3.97
CA ALA A 223 3.82 -16.03 2.72
C ALA A 223 4.55 -14.69 2.70
N TYR A 224 4.44 -13.92 3.78
CA TYR A 224 5.14 -12.63 3.88
C TYR A 224 6.66 -12.80 3.89
N LYS A 225 7.13 -13.88 4.52
CA LYS A 225 8.54 -14.24 4.51
C LYS A 225 9.06 -14.51 3.10
N GLU A 226 8.30 -15.30 2.34
CA GLU A 226 8.67 -15.68 0.98
CA GLU A 226 8.71 -15.68 0.99
C GLU A 226 8.86 -14.44 0.10
N ILE A 227 8.00 -13.44 0.33
CA ILE A 227 8.10 -12.13 -0.34
C ILE A 227 9.41 -11.44 0.03
N TYR A 228 9.63 -11.29 1.33
CA TYR A 228 10.87 -10.72 1.84
C TYR A 228 12.12 -11.42 1.27
N GLU A 229 12.12 -12.75 1.32
CA GLU A 229 13.25 -13.55 0.85
C GLU A 229 13.50 -13.38 -0.64
N ARG A 230 12.44 -13.41 -1.44
CA ARG A 230 12.55 -13.20 -2.87
C ARG A 230 13.02 -11.80 -3.23
N ILE A 231 12.61 -10.82 -2.43
CA ILE A 231 12.99 -9.44 -2.69
C ILE A 231 14.42 -9.18 -2.23
N THR A 232 14.74 -9.50 -0.97
CA THR A 232 16.05 -9.16 -0.41
C THR A 232 17.17 -10.14 -0.75
N GLY A 233 16.81 -11.40 -1.00
CA GLY A 233 17.79 -12.46 -1.17
C GLY A 233 18.22 -13.08 0.15
N GLU A 234 17.77 -12.48 1.27
CA GLU A 234 18.13 -12.94 2.61
C GLU A 234 16.94 -13.52 3.39
N LYS A 235 17.22 -14.38 4.36
CA LYS A 235 16.21 -14.97 5.24
C LYS A 235 15.99 -14.01 6.41
N PRO A 236 14.71 -13.67 6.70
CA PRO A 236 14.35 -12.62 7.66
C PRO A 236 14.78 -12.90 9.10
N GLU A 237 15.38 -11.89 9.74
CA GLU A 237 16.00 -12.01 11.07
C GLU A 237 15.05 -11.73 12.24
N PHE A 238 14.10 -10.81 12.03
CA PHE A 238 13.10 -10.40 13.05
C PHE A 238 13.69 -9.71 14.27
P PO4 B . -10.02 -4.39 -3.01
O1 PO4 B . -9.90 -5.39 -4.11
O2 PO4 B . -10.70 -3.16 -3.56
O3 PO4 B . -10.84 -4.99 -1.91
O4 PO4 B . -8.65 -4.00 -2.52
P PO4 C . -9.89 -5.46 4.03
O1 PO4 C . -10.24 -6.89 3.73
O2 PO4 C . -9.27 -4.79 2.84
O3 PO4 C . -11.15 -4.72 4.42
O4 PO4 C . -8.90 -5.38 5.18
C ACT D . -18.26 1.42 -3.77
O ACT D . -18.60 2.60 -3.62
OXT ACT D . -17.11 1.05 -3.53
CH3 ACT D . -19.26 0.40 -4.22
PB ADP E . -5.77 3.30 9.97
O1B ADP E . -5.58 3.23 8.46
O2B ADP E . -6.22 2.00 10.58
O3B ADP E . -6.54 4.53 10.40
PA ADP E . -2.95 2.79 10.30
O1A ADP E . -2.80 1.66 11.29
O2A ADP E . -2.82 2.45 8.83
O3A ADP E . -4.31 3.60 10.60
O5' ADP E . -1.82 3.88 10.70
C5' ADP E . -1.42 4.95 9.83
C4' ADP E . -2.27 6.23 9.98
O4' ADP E . -1.46 7.39 9.71
C3' ADP E . -3.37 6.32 8.95
O3' ADP E . -4.41 7.13 9.51
C2' ADP E . -2.70 7.05 7.78
O2' ADP E . -3.63 7.66 6.89
C1' ADP E . -1.86 8.07 8.51
N9 ADP E . -0.61 8.46 7.83
C8 ADP E . 0.18 7.69 7.05
N7 ADP E . 1.27 8.36 6.64
C5 ADP E . 1.21 9.61 7.19
C6 ADP E . 2.01 10.86 7.18
N6 ADP E . 3.18 10.95 6.51
N1 ADP E . 1.56 11.94 7.87
C2 ADP E . 0.40 11.91 8.57
N3 ADP E . -0.37 10.81 8.62
C4 ADP E . -0.04 9.66 7.97
MG MG F . -4.36 2.11 7.22
#